data_7L4Y
#
_entry.id   7L4Y
#
_cell.length_a   45.968
_cell.length_b   66.383
_cell.length_c   77.605
_cell.angle_alpha   90.000
_cell.angle_beta   90.000
_cell.angle_gamma   90.000
#
_symmetry.space_group_name_H-M   'P 21 21 21'
#
loop_
_entity.id
_entity.type
_entity.pdbx_description
1 polymer 'ssDNA 13mer'
2 polymer 'YTH domain-containing protein 1'
3 non-polymer 1,2-ETHANEDIOL
4 water water
#
loop_
_entity_poly.entity_id
_entity_poly.type
_entity_poly.pdbx_seq_one_letter_code
_entity_poly.pdbx_strand_id
1 'polydeoxyribonucleotide' (DC)(DA)(DG)(DC)(DT)(DG)(6MA)(DG)(DT)(DC)(DG)(DA)(DC) F,E
2 'polypeptide(L)'
;GTSKLKYVLQDARFFLIKSNNHENVSLAKAKGVWSTLPVNEKKLNLAFRSARSVILIFSVRESGKFQGFARLSSESHHGG
SPIHWVLPAGMSAKMLGGVFKIDWICRRELPFTKSAHLTNPWNEHKPVKIGRDGQEIELECGTQLCLLFPPDESIDLYQV
IHKMRH
;
B
#
loop_
_chem_comp.id
_chem_comp.type
_chem_comp.name
_chem_comp.formula
6MA DNA linking N6-METHYL-DEOXY-ADENOSINE-5'-MONOPHOSPHATE 'C11 H16 N5 O6 P'
DA DNA linking 2'-DEOXYADENOSINE-5'-MONOPHOSPHATE 'C10 H14 N5 O6 P'
DC DNA linking 2'-DEOXYCYTIDINE-5'-MONOPHOSPHATE 'C9 H14 N3 O7 P'
DG DNA linking 2'-DEOXYGUANOSINE-5'-MONOPHOSPHATE 'C10 H14 N5 O7 P'
DT DNA linking THYMIDINE-5'-MONOPHOSPHATE 'C10 H15 N2 O8 P'
EDO non-polymer 1,2-ETHANEDIOL 'C2 H6 O2'
#
# COMPACT_ATOMS: atom_id res chain seq x y z
P 6MA A 7 10.28 -37.81 -5.75
OP1 6MA A 7 9.14 -38.74 -5.38
OP2 6MA A 7 11.58 -38.28 -5.14
O5' 6MA A 7 10.40 -37.64 -7.38
C5' 6MA A 7 9.21 -37.33 -8.13
C4' 6MA A 7 9.58 -37.02 -9.59
O4' 6MA A 7 10.68 -36.09 -9.61
C3' 6MA A 7 10.11 -38.34 -10.29
O3' 6MA A 7 9.48 -38.54 -11.55
C2' 6MA A 7 11.56 -38.06 -10.54
C1' 6MA A 7 11.66 -36.54 -10.53
N9 6MA A 7 12.93 -36.08 -10.10
C8 6MA A 7 13.54 -36.41 -8.97
N7 6MA A 7 14.71 -35.78 -8.91
C5 6MA A 7 14.83 -35.04 -10.03
C6 6MA A 7 15.83 -34.17 -10.51
N1 6MA A 7 15.68 -33.55 -11.66
C2 6MA A 7 14.56 -33.79 -12.31
N3 6MA A 7 13.56 -34.57 -11.96
C4 6MA A 7 13.69 -35.21 -10.79
N6 6MA A 7 16.95 -33.97 -9.78
C1 6MA A 7 17.92 -32.94 -10.11
N THR B 2 -15.03 13.19 3.44
CA THR B 2 -14.18 12.20 2.81
C THR B 2 -14.76 11.75 1.48
N SER B 3 -15.59 12.61 0.87
CA SER B 3 -16.27 12.19 -0.35
C SER B 3 -15.27 11.96 -1.48
N LYS B 4 -14.26 12.82 -1.58
CA LYS B 4 -13.17 12.56 -2.53
C LYS B 4 -12.38 11.32 -2.13
N LEU B 5 -12.15 11.15 -0.82
CA LEU B 5 -11.44 9.96 -0.35
C LEU B 5 -12.27 8.71 -0.60
N LYS B 6 -13.57 8.76 -0.29
CA LYS B 6 -14.44 7.62 -0.56
C LYS B 6 -14.51 7.31 -2.05
N TYR B 7 -14.44 8.34 -2.90
CA TYR B 7 -14.44 8.11 -4.34
C TYR B 7 -13.21 7.32 -4.77
N VAL B 8 -12.04 7.69 -4.26
CA VAL B 8 -10.80 7.00 -4.61
C VAL B 8 -10.85 5.54 -4.16
N LEU B 9 -11.59 5.26 -3.09
CA LEU B 9 -11.64 3.92 -2.51
C LEU B 9 -12.77 3.07 -3.08
N GLN B 10 -13.61 3.61 -3.95
CA GLN B 10 -14.76 2.86 -4.46
C GLN B 10 -14.31 1.62 -5.23
N ASP B 11 -14.91 0.48 -4.90
CA ASP B 11 -14.65 -0.79 -5.59
C ASP B 11 -13.17 -1.16 -5.59
N ALA B 12 -12.42 -0.65 -4.63
CA ALA B 12 -10.99 -0.90 -4.61
C ALA B 12 -10.69 -2.27 -4.02
N ARG B 13 -9.51 -2.78 -4.37
CA ARG B 13 -8.93 -3.94 -3.71
C ARG B 13 -7.78 -3.46 -2.84
N PHE B 14 -7.63 -4.08 -1.66
CA PHE B 14 -6.72 -3.60 -0.64
C PHE B 14 -5.70 -4.68 -0.32
N PHE B 15 -4.43 -4.29 -0.21
CA PHE B 15 -3.36 -5.22 0.12
C PHE B 15 -2.49 -4.64 1.22
N LEU B 16 -2.21 -5.46 2.22
CA LEU B 16 -1.23 -5.11 3.24
C LEU B 16 0.18 -5.20 2.63
N ILE B 17 0.96 -4.15 2.84
CA ILE B 17 2.36 -4.11 2.42
C ILE B 17 3.22 -4.02 3.68
N LYS B 18 4.17 -4.94 3.81
CA LYS B 18 5.02 -5.01 4.99
C LYS B 18 6.46 -4.73 4.60
N SER B 19 7.07 -3.76 5.27
CA SER B 19 8.48 -3.42 5.06
C SER B 19 9.29 -3.85 6.26
N ASN B 20 10.47 -4.43 5.99
CA ASN B 20 11.38 -4.80 7.06
C ASN B 20 12.00 -3.60 7.74
N ASN B 21 12.08 -2.46 7.06
CA ASN B 21 12.76 -1.28 7.61
C ASN B 21 11.95 -0.04 7.32
N HIS B 22 12.17 0.99 8.15
CA HIS B 22 11.49 2.27 7.97
C HIS B 22 12.04 3.04 6.77
N GLU B 23 13.30 2.77 6.40
CA GLU B 23 13.95 3.57 5.37
C GLU B 23 13.27 3.42 4.02
N ASN B 24 12.83 2.21 3.67
CA ASN B 24 12.24 1.99 2.36
C ASN B 24 10.85 2.61 2.25
N VAL B 25 10.10 2.67 3.35
CA VAL B 25 8.81 3.36 3.31
C VAL B 25 9.02 4.86 3.17
N SER B 26 10.04 5.40 3.83
CA SER B 26 10.33 6.82 3.69
C SER B 26 10.74 7.17 2.28
N LEU B 27 11.55 6.32 1.64
CA LEU B 27 11.92 6.55 0.25
C LEU B 27 10.73 6.38 -0.67
N ALA B 28 9.84 5.43 -0.35
CA ALA B 28 8.62 5.25 -1.13
C ALA B 28 7.75 6.51 -1.07
N LYS B 29 7.66 7.13 0.09
CA LYS B 29 6.90 8.36 0.22
C LYS B 29 7.56 9.52 -0.51
N ALA B 30 8.89 9.50 -0.61
CA ALA B 30 9.61 10.61 -1.23
C ALA B 30 9.62 10.49 -2.75
N LYS B 31 9.70 9.26 -3.27
CA LYS B 31 9.83 9.04 -4.70
C LYS B 31 8.54 8.55 -5.37
N GLY B 32 7.55 8.15 -4.59
CA GLY B 32 6.30 7.68 -5.17
C GLY B 32 6.43 6.36 -5.92
N VAL B 33 7.18 5.40 -5.36
CA VAL B 33 7.39 4.11 -5.98
C VAL B 33 7.35 3.03 -4.90
N TRP B 34 7.18 1.80 -5.35
CA TRP B 34 7.31 0.65 -4.45
C TRP B 34 7.80 -0.55 -5.22
N SER B 35 8.49 -1.44 -4.52
CA SER B 35 8.98 -2.69 -5.08
CA SER B 35 8.98 -2.69 -5.08
C SER B 35 8.73 -3.81 -4.07
N THR B 36 8.41 -4.99 -4.59
CA THR B 36 8.13 -6.14 -3.73
C THR B 36 8.71 -7.39 -4.39
N LEU B 37 8.63 -8.51 -3.67
CA LEU B 37 9.15 -9.76 -4.16
C LEU B 37 8.33 -10.24 -5.36
N PRO B 38 8.91 -11.11 -6.20
CA PRO B 38 8.25 -11.45 -7.48
C PRO B 38 6.86 -12.07 -7.34
N VAL B 39 6.60 -12.85 -6.29
CA VAL B 39 5.27 -13.44 -6.14
C VAL B 39 4.23 -12.35 -5.92
N ASN B 40 4.48 -11.44 -4.98
CA ASN B 40 3.56 -10.34 -4.75
C ASN B 40 3.54 -9.36 -5.91
N GLU B 41 4.64 -9.24 -6.64
CA GLU B 41 4.68 -8.38 -7.83
C GLU B 41 3.67 -8.86 -8.86
N LYS B 42 3.67 -10.17 -9.13
CA LYS B 42 2.71 -10.72 -10.08
C LYS B 42 1.29 -10.57 -9.58
N LYS B 43 1.07 -10.76 -8.28
CA LYS B 43 -0.25 -10.60 -7.70
C LYS B 43 -0.75 -9.17 -7.87
N LEU B 44 0.11 -8.19 -7.60
CA LEU B 44 -0.30 -6.79 -7.70
C LEU B 44 -0.52 -6.37 -9.15
N ASN B 45 0.30 -6.89 -10.07
CA ASN B 45 0.11 -6.59 -11.49
C ASN B 45 -1.25 -7.08 -11.98
N LEU B 46 -1.62 -8.30 -11.60
CA LEU B 46 -2.90 -8.83 -12.04
C LEU B 46 -4.06 -8.08 -11.39
N ALA B 47 -3.91 -7.69 -10.12
CA ALA B 47 -4.93 -6.90 -9.46
C ALA B 47 -5.08 -5.53 -10.12
N PHE B 48 -3.96 -4.93 -10.53
CA PHE B 48 -4.01 -3.62 -11.18
C PHE B 48 -4.83 -3.65 -12.46
N ARG B 49 -4.78 -4.75 -13.19
CA ARG B 49 -5.47 -4.83 -14.46
C ARG B 49 -6.96 -5.09 -14.31
N SER B 50 -7.39 -5.66 -13.19
CA SER B 50 -8.77 -6.09 -13.04
C SER B 50 -9.58 -5.18 -12.12
N ALA B 51 -8.94 -4.39 -11.27
CA ALA B 51 -9.65 -3.61 -10.27
C ALA B 51 -9.65 -2.13 -10.64
N ARG B 52 -10.74 -1.45 -10.27
CA ARG B 52 -10.84 -0.01 -10.46
C ARG B 52 -9.68 0.71 -9.78
N SER B 53 -9.35 0.32 -8.55
CA SER B 53 -8.20 0.84 -7.83
C SER B 53 -7.60 -0.27 -7.00
N VAL B 54 -6.27 -0.24 -6.88
CA VAL B 54 -5.53 -1.13 -6.00
C VAL B 54 -4.87 -0.26 -4.94
N ILE B 55 -5.24 -0.48 -3.68
CA ILE B 55 -4.79 0.35 -2.56
C ILE B 55 -3.80 -0.47 -1.75
N LEU B 56 -2.61 0.09 -1.53
CA LEU B 56 -1.58 -0.53 -0.70
C LEU B 56 -1.57 0.14 0.67
N ILE B 57 -1.65 -0.65 1.72
CA ILE B 57 -1.65 -0.17 3.09
C ILE B 57 -0.34 -0.62 3.73
N PHE B 58 0.51 0.35 4.08
CA PHE B 58 1.88 0.07 4.49
C PHE B 58 1.99 -0.12 5.99
N SER B 59 2.84 -1.06 6.40
CA SER B 59 3.12 -1.28 7.81
C SER B 59 4.55 -1.79 7.94
N VAL B 60 5.40 -1.03 8.65
CA VAL B 60 6.76 -1.46 8.88
C VAL B 60 6.76 -2.58 9.91
N ARG B 61 7.52 -3.64 9.63
CA ARG B 61 7.57 -4.80 10.51
C ARG B 61 7.98 -4.42 11.93
N GLU B 62 7.21 -4.92 12.91
CA GLU B 62 7.43 -4.73 14.34
C GLU B 62 7.31 -3.28 14.77
N SER B 63 6.82 -2.38 13.90
CA SER B 63 6.61 -1.00 14.28
C SER B 63 5.32 -0.80 15.08
N GLY B 64 4.37 -1.73 14.97
CA GLY B 64 3.12 -1.58 15.69
C GLY B 64 2.16 -0.57 15.11
N LYS B 65 2.39 -0.12 13.87
CA LYS B 65 1.54 0.87 13.24
C LYS B 65 1.45 0.61 11.75
N PHE B 66 0.50 1.28 11.11
CA PHE B 66 0.53 1.53 9.68
C PHE B 66 1.13 2.90 9.43
N GLN B 67 1.81 3.05 8.29
CA GLN B 67 2.49 4.30 7.96
C GLN B 67 1.81 5.09 6.85
N GLY B 68 0.67 4.64 6.36
CA GLY B 68 -0.07 5.35 5.34
C GLY B 68 -0.59 4.37 4.30
N PHE B 69 -1.23 4.92 3.26
CA PHE B 69 -1.69 4.08 2.16
C PHE B 69 -1.63 4.86 0.86
N ALA B 70 -1.58 4.12 -0.25
CA ALA B 70 -1.36 4.69 -1.57
C ALA B 70 -2.09 3.85 -2.60
N ARG B 71 -2.25 4.43 -3.79
CA ARG B 71 -2.92 3.79 -4.91
C ARG B 71 -1.93 3.44 -6.00
N LEU B 72 -1.96 2.20 -6.48
CA LEU B 72 -1.19 1.80 -7.65
C LEU B 72 -1.61 2.61 -8.85
N SER B 73 -0.63 3.18 -9.55
CA SER B 73 -0.89 3.92 -10.77
C SER B 73 -0.26 3.28 -12.01
N SER B 74 0.40 2.13 -11.86
CA SER B 74 1.01 1.45 -13.00
C SER B 74 1.28 0.00 -12.61
N GLU B 75 1.48 -0.83 -13.64
CA GLU B 75 2.10 -2.12 -13.41
C GLU B 75 3.59 -1.92 -13.14
N SER B 76 4.23 -2.97 -12.62
CA SER B 76 5.64 -2.89 -12.30
C SER B 76 6.46 -2.72 -13.58
N HIS B 77 7.53 -1.94 -13.48
CA HIS B 77 8.44 -1.70 -14.60
C HIS B 77 9.84 -2.14 -14.21
N HIS B 78 10.49 -2.87 -15.10
CA HIS B 78 11.86 -3.34 -14.89
C HIS B 78 12.81 -2.58 -15.80
N GLY B 79 14.02 -2.32 -15.29
CA GLY B 79 15.08 -1.75 -16.09
C GLY B 79 15.19 -0.24 -16.05
N GLY B 80 14.36 0.45 -15.27
CA GLY B 80 14.45 1.89 -15.17
C GLY B 80 15.64 2.31 -14.32
N SER B 81 15.64 3.59 -13.97
CA SER B 81 16.66 4.10 -13.07
C SER B 81 16.56 3.39 -11.71
N PRO B 82 17.66 2.92 -11.15
CA PRO B 82 17.56 2.09 -9.94
C PRO B 82 17.07 2.87 -8.74
N ILE B 83 16.18 2.25 -7.98
CA ILE B 83 15.80 2.73 -6.67
C ILE B 83 16.74 2.09 -5.65
N HIS B 84 17.35 2.92 -4.81
CA HIS B 84 18.39 2.43 -3.90
C HIS B 84 17.75 2.06 -2.55
N TRP B 85 17.00 0.96 -2.59
CA TRP B 85 16.38 0.43 -1.37
C TRP B 85 17.46 -0.01 -0.39
N VAL B 86 17.11 0.02 0.89
CA VAL B 86 17.87 -0.69 1.91
C VAL B 86 17.44 -2.16 1.83
N LEU B 87 18.34 -3.01 1.36
CA LEU B 87 17.97 -4.39 1.03
C LEU B 87 17.79 -5.21 2.31
N PRO B 88 16.63 -5.82 2.53
CA PRO B 88 16.48 -6.74 3.67
C PRO B 88 17.44 -7.91 3.56
N ALA B 89 17.64 -8.57 4.70
CA ALA B 89 18.61 -9.67 4.78
C ALA B 89 18.22 -10.78 3.82
N GLY B 90 19.21 -11.29 3.08
CA GLY B 90 19.01 -12.37 2.15
C GLY B 90 18.40 -11.99 0.82
N MET B 91 18.13 -10.71 0.59
CA MET B 91 17.51 -10.26 -0.65
C MET B 91 18.50 -9.42 -1.46
N SER B 92 18.45 -9.58 -2.77
CA SER B 92 19.31 -8.84 -3.69
C SER B 92 18.50 -7.77 -4.39
N ALA B 93 19.22 -6.85 -5.05
CA ALA B 93 18.55 -5.75 -5.74
C ALA B 93 17.66 -6.26 -6.87
N LYS B 94 18.09 -7.31 -7.57
CA LYS B 94 17.28 -7.84 -8.67
C LYS B 94 15.98 -8.43 -8.17
N MET B 95 15.95 -8.91 -6.92
CA MET B 95 14.71 -9.45 -6.38
C MET B 95 13.63 -8.39 -6.23
N LEU B 96 14.02 -7.13 -6.06
CA LEU B 96 13.09 -6.02 -6.00
C LEU B 96 13.11 -5.19 -7.28
N GLY B 97 13.46 -5.83 -8.41
CA GLY B 97 13.68 -5.11 -9.64
C GLY B 97 12.46 -4.48 -10.24
N GLY B 98 11.27 -4.99 -9.93
CA GLY B 98 10.04 -4.41 -10.43
C GLY B 98 9.61 -3.18 -9.66
N VAL B 99 9.44 -2.06 -10.35
CA VAL B 99 9.15 -0.78 -9.71
C VAL B 99 7.74 -0.35 -10.09
N PHE B 100 6.85 -0.30 -9.09
CA PHE B 100 5.51 0.23 -9.27
C PHE B 100 5.54 1.73 -9.02
N LYS B 101 4.81 2.49 -9.84
CA LYS B 101 4.49 3.86 -9.51
C LYS B 101 3.26 3.90 -8.63
N ILE B 102 3.31 4.68 -7.55
CA ILE B 102 2.20 4.78 -6.62
C ILE B 102 1.92 6.25 -6.33
N ASP B 103 0.64 6.55 -6.13
CA ASP B 103 0.17 7.87 -5.71
C ASP B 103 -0.28 7.78 -4.27
N TRP B 104 0.40 8.50 -3.38
CA TRP B 104 0.08 8.44 -1.97
C TRP B 104 -1.24 9.16 -1.68
N ILE B 105 -2.07 8.55 -0.84
CA ILE B 105 -3.37 9.11 -0.48
C ILE B 105 -3.28 9.63 0.93
N CYS B 106 -2.46 8.98 1.76
CA CYS B 106 -2.23 9.43 3.12
C CYS B 106 -0.86 8.96 3.56
N ARG B 107 -0.06 9.88 4.10
CA ARG B 107 1.28 9.57 4.57
C ARG B 107 1.41 9.66 6.08
N ARG B 108 0.29 9.71 6.78
CA ARG B 108 0.30 9.76 8.24
C ARG B 108 0.17 8.35 8.82
N GLU B 109 0.47 8.24 10.11
CA GLU B 109 0.52 6.96 10.79
C GLU B 109 -0.82 6.62 11.45
N LEU B 110 -1.05 5.32 11.65
CA LEU B 110 -2.19 4.85 12.41
C LEU B 110 -1.78 3.66 13.28
N PRO B 111 -1.73 3.79 14.61
CA PRO B 111 -1.31 2.66 15.45
C PRO B 111 -2.32 1.51 15.38
N PHE B 112 -1.80 0.31 15.64
CA PHE B 112 -2.66 -0.88 15.66
C PHE B 112 -3.75 -0.77 16.72
N THR B 113 -3.49 -0.03 17.80
CA THR B 113 -4.48 0.13 18.86
C THR B 113 -5.76 0.79 18.34
N LYS B 114 -5.63 1.67 17.35
CA LYS B 114 -6.79 2.34 16.78
C LYS B 114 -7.54 1.47 15.78
N SER B 115 -6.92 0.40 15.29
CA SER B 115 -7.55 -0.51 14.35
C SER B 115 -8.00 -1.82 14.98
N ALA B 116 -7.95 -1.90 16.31
CA ALA B 116 -8.22 -3.17 17.00
C ALA B 116 -9.65 -3.67 16.78
N HIS B 117 -10.59 -2.77 16.47
CA HIS B 117 -11.98 -3.17 16.25
C HIS B 117 -12.24 -3.66 14.84
N LEU B 118 -11.26 -3.58 13.95
CA LEU B 118 -11.44 -3.94 12.54
C LEU B 118 -10.89 -5.34 12.30
N THR B 119 -11.76 -6.26 11.90
CA THR B 119 -11.36 -7.61 11.53
C THR B 119 -11.57 -7.84 10.04
N ASN B 120 -10.70 -8.67 9.46
CA ASN B 120 -10.71 -8.94 8.04
C ASN B 120 -11.42 -10.25 7.78
N PRO B 121 -12.65 -10.24 7.24
CA PRO B 121 -13.37 -11.50 7.02
C PRO B 121 -12.68 -12.41 6.03
N TRP B 122 -11.78 -11.91 5.19
CA TRP B 122 -11.04 -12.73 4.25
C TRP B 122 -9.80 -13.37 4.86
N ASN B 123 -9.45 -13.02 6.10
CA ASN B 123 -8.38 -13.70 6.81
C ASN B 123 -8.88 -14.27 8.13
N GLU B 124 -9.93 -15.11 8.06
CA GLU B 124 -10.48 -15.79 9.23
C GLU B 124 -10.88 -14.81 10.33
N HIS B 125 -11.30 -13.60 9.93
CA HIS B 125 -11.81 -12.58 10.84
C HIS B 125 -10.79 -12.18 11.90
N LYS B 126 -9.52 -12.32 11.56
CA LYS B 126 -8.45 -11.84 12.42
C LYS B 126 -8.35 -10.31 12.30
N PRO B 127 -7.83 -9.64 13.35
CA PRO B 127 -7.65 -8.19 13.27
C PRO B 127 -6.82 -7.81 12.05
N VAL B 128 -7.11 -6.63 11.51
CA VAL B 128 -6.50 -6.21 10.24
C VAL B 128 -5.00 -5.97 10.37
N LYS B 129 -4.48 -5.87 11.59
CA LYS B 129 -3.03 -5.76 11.78
C LYS B 129 -2.31 -7.07 11.51
N ILE B 130 -3.03 -8.19 11.46
CA ILE B 130 -2.43 -9.50 11.27
C ILE B 130 -2.28 -9.76 9.77
N GLY B 131 -1.08 -10.14 9.36
CA GLY B 131 -0.87 -10.53 7.99
C GLY B 131 0.57 -10.36 7.56
N ARG B 132 0.94 -11.12 6.53
CA ARG B 132 2.22 -10.98 5.85
C ARG B 132 2.10 -9.98 4.70
N ASP B 133 3.24 -9.69 4.08
CA ASP B 133 3.27 -8.86 2.89
C ASP B 133 2.34 -9.43 1.82
N GLY B 134 1.48 -8.56 1.29
CA GLY B 134 0.56 -8.95 0.24
C GLY B 134 -0.77 -9.52 0.70
N GLN B 135 -1.03 -9.53 1.99
CA GLN B 135 -2.32 -10.02 2.50
C GLN B 135 -3.45 -9.14 2.00
N GLU B 136 -4.40 -9.74 1.28
CA GLU B 136 -5.54 -8.98 0.77
C GLU B 136 -6.58 -8.76 1.86
N ILE B 137 -7.22 -7.61 1.80
CA ILE B 137 -8.20 -7.18 2.80
C ILE B 137 -9.53 -6.97 2.10
N GLU B 138 -10.60 -7.48 2.71
CA GLU B 138 -11.93 -7.36 2.14
C GLU B 138 -12.32 -5.90 1.96
N LEU B 139 -13.19 -5.65 0.98
CA LEU B 139 -13.51 -4.29 0.54
C LEU B 139 -13.94 -3.40 1.70
N GLU B 140 -14.99 -3.77 2.41
CA GLU B 140 -15.52 -2.89 3.45
C GLU B 140 -14.54 -2.74 4.60
N CYS B 141 -13.86 -3.82 4.97
CA CYS B 141 -12.85 -3.73 6.03
C CYS B 141 -11.70 -2.80 5.63
N GLY B 142 -11.26 -2.90 4.37
CA GLY B 142 -10.20 -2.02 3.90
C GLY B 142 -10.61 -0.58 3.78
N THR B 143 -11.87 -0.33 3.42
CA THR B 143 -12.36 1.05 3.35
C THR B 143 -12.40 1.69 4.73
N GLN B 144 -12.94 0.98 5.72
CA GLN B 144 -13.01 1.52 7.08
C GLN B 144 -11.60 1.77 7.64
N LEU B 145 -10.66 0.89 7.32
CA LEU B 145 -9.28 1.08 7.78
C LEU B 145 -8.70 2.38 7.23
N CYS B 146 -8.87 2.61 5.93
CA CYS B 146 -8.35 3.83 5.32
C CYS B 146 -9.02 5.07 5.89
N LEU B 147 -10.31 4.97 6.24
CA LEU B 147 -11.01 6.10 6.83
C LEU B 147 -10.58 6.39 8.25
N LEU B 148 -9.88 5.47 8.92
CA LEU B 148 -9.39 5.71 10.27
C LEU B 148 -8.17 6.60 10.30
N PHE B 149 -7.41 6.66 9.22
CA PHE B 149 -6.19 7.46 9.20
C PHE B 149 -6.52 8.94 9.41
N PRO B 150 -5.66 9.68 10.10
CA PRO B 150 -5.89 11.13 10.23
C PRO B 150 -5.77 11.80 8.88
N PRO B 151 -6.44 12.94 8.68
CA PRO B 151 -6.36 13.61 7.38
C PRO B 151 -4.96 14.13 7.12
N ASP B 152 -4.55 14.04 5.86
CA ASP B 152 -3.22 14.48 5.42
C ASP B 152 -3.41 15.74 4.57
N GLU B 153 -3.22 16.90 5.20
CA GLU B 153 -3.39 18.16 4.50
C GLU B 153 -2.37 18.37 3.39
N SER B 154 -1.28 17.61 3.40
CA SER B 154 -0.23 17.72 2.38
C SER B 154 -0.56 16.96 1.10
N ILE B 155 -1.72 16.33 1.01
CA ILE B 155 -2.09 15.51 -0.14
C ILE B 155 -3.14 16.25 -0.94
N ASP B 156 -2.95 16.30 -2.26
CA ASP B 156 -3.90 16.88 -3.20
C ASP B 156 -4.41 15.76 -4.09
N LEU B 157 -5.69 15.41 -3.95
CA LEU B 157 -6.27 14.28 -4.65
C LEU B 157 -6.67 14.58 -6.08
N TYR B 158 -6.36 15.77 -6.61
CA TYR B 158 -6.79 16.11 -7.96
C TYR B 158 -6.17 15.16 -8.98
N GLN B 159 -4.85 14.94 -8.88
CA GLN B 159 -4.14 14.19 -9.91
C GLN B 159 -4.58 12.74 -9.94
N VAL B 160 -4.68 12.09 -8.77
CA VAL B 160 -5.10 10.70 -8.73
C VAL B 160 -6.51 10.55 -9.30
N ILE B 161 -7.40 11.51 -8.99
CA ILE B 161 -8.77 11.43 -9.46
C ILE B 161 -8.85 11.69 -10.96
N HIS B 162 -8.00 12.59 -11.46
CA HIS B 162 -8.01 12.91 -12.89
C HIS B 162 -7.59 11.71 -13.73
N LYS B 163 -6.56 10.99 -13.31
CA LYS B 163 -6.12 9.82 -14.06
C LYS B 163 -7.02 8.61 -13.87
N MET B 164 -8.05 8.71 -13.03
CA MET B 164 -9.07 7.68 -12.91
C MET B 164 -10.30 7.97 -13.77
N ARG B 165 -10.35 9.14 -14.41
CA ARG B 165 -11.48 9.49 -15.26
C ARG B 165 -11.37 8.84 -16.64
P 6MA C 7 11.43 -13.27 4.99
OP1 6MA C 7 12.80 -12.66 4.97
OP2 6MA C 7 11.16 -13.97 6.30
O5' 6MA C 7 10.27 -12.12 4.69
C5' 6MA C 7 10.52 -11.16 3.64
C4' 6MA C 7 10.10 -9.78 4.18
O4' 6MA C 7 10.51 -8.73 3.26
C3' 6MA C 7 8.52 -9.64 4.20
O3' 6MA C 7 8.08 -9.74 5.56
C2' 6MA C 7 8.25 -8.27 3.66
C1' 6MA C 7 9.61 -7.64 3.38
N9 6MA C 7 9.67 -6.81 2.22
C8 6MA C 7 9.11 -7.05 1.03
N7 6MA C 7 9.38 -6.04 0.21
C5 6MA C 7 10.13 -5.17 0.89
C6 6MA C 7 10.72 -3.92 0.54
N1 6MA C 7 11.44 -3.25 1.43
C2 6MA C 7 11.55 -3.79 2.62
N3 6MA C 7 11.05 -4.93 3.05
C4 6MA C 7 10.33 -5.64 2.17
N6 6MA C 7 10.57 -3.43 -0.70
C1 6MA C 7 11.11 -2.14 -1.11
C1 EDO D . 7.87 6.32 7.09
O1 EDO D . 6.58 6.55 7.66
C2 EDO D . 8.50 5.12 7.76
O2 EDO D . 8.50 5.31 9.18
#